data_6FFS
#
_entry.id   6FFS
#
_cell.length_a   77.657
_cell.length_b   77.657
_cell.length_c   87.855
_cell.angle_alpha   90.000
_cell.angle_beta   90.000
_cell.angle_gamma   120.000
#
_symmetry.space_group_name_H-M   'P 32 2 1'
#
loop_
_entity.id
_entity.type
_entity.pdbx_description
1 polymer '3C Protease'
2 non-polymer ~{N}-[(2~{S},5~{S},14~{S})-2-[(4-fluorophenyl)methyl]-5-(hydroxymethyl)-9-methyl-3,8,15-tris(oxidanylidene)-1,4,9-triazacyclopentadec-14-yl]-5-methyl-1,2-oxazole-3-carboxamide
3 non-polymer 'SULFATE ION'
4 water water
#
_entity_poly.entity_id   1
_entity_poly.type   'polypeptide(L)'
_entity_poly.pdbx_seq_one_letter_code
;GSGPEEEFGMSLIKHNSCVITTENGKFTGLGVYDRFVVVPTHADPGKEIQVDGITTKVIDSYDLYNKNGIKLEITVLKLD
RNEKFRDIRRYIPNNEDDYPNCNLALLANQPEPTIINVGDVVSYGNILLSGNQTARMLKYSYPTKSGYCGGVLYKIGQVL
GIHVGGNGRDGFSAMLLRSYFT
;
_entity_poly.pdbx_strand_id   A
#
# COMPACT_ATOMS: atom_id res chain seq x y z
N GLY A 1 19.34 5.94 5.71
CA GLY A 1 19.73 4.51 5.78
C GLY A 1 20.32 3.94 4.51
N SER A 2 21.25 3.02 4.70
CA SER A 2 21.81 2.18 3.63
C SER A 2 21.98 0.73 4.14
N GLY A 3 21.56 0.55 5.38
CA GLY A 3 21.65 -0.73 6.07
C GLY A 3 20.37 -1.53 5.92
N PRO A 4 20.16 -2.47 6.85
CA PRO A 4 19.17 -3.48 6.64
C PRO A 4 17.76 -2.99 6.43
N GLU A 5 17.34 -1.92 7.13
CA GLU A 5 15.96 -1.48 6.91
C GLU A 5 15.70 -0.95 5.50
N GLU A 6 16.62 -0.12 5.01
CA GLU A 6 16.60 0.36 3.65
C GLU A 6 16.70 -0.81 2.67
N GLU A 7 17.57 -1.77 2.96
CA GLU A 7 17.81 -2.87 2.07
C GLU A 7 16.60 -3.78 1.94
N PHE A 8 15.95 -4.08 3.06
CA PHE A 8 14.70 -4.84 2.97
C PHE A 8 13.64 -4.13 2.11
N GLY A 9 13.52 -2.83 2.29
CA GLY A 9 12.62 -2.01 1.48
C GLY A 9 12.94 -1.99 -0.01
N MET A 10 14.22 -1.87 -0.36
CA MET A 10 14.56 -1.86 -1.77
C MET A 10 14.22 -3.21 -2.43
N SER A 11 14.49 -4.29 -1.69
CA SER A 11 14.18 -5.64 -2.19
C SER A 11 12.65 -5.78 -2.38
N LEU A 12 11.90 -5.25 -1.41
CA LEU A 12 10.43 -5.22 -1.51
C LEU A 12 9.94 -4.46 -2.74
N ILE A 13 10.54 -3.31 -3.00
CA ILE A 13 10.23 -2.55 -4.21
C ILE A 13 10.48 -3.36 -5.46
N LYS A 14 11.68 -3.92 -5.53
CA LYS A 14 12.11 -4.67 -6.72
C LYS A 14 11.28 -5.92 -7.01
N HIS A 15 10.88 -6.66 -5.96
CA HIS A 15 10.20 -7.92 -6.11
C HIS A 15 8.67 -7.81 -6.00
N ASN A 16 8.15 -6.81 -5.28
CA ASN A 16 6.74 -6.82 -4.91
C ASN A 16 6.05 -5.49 -5.10
N SER A 17 6.64 -4.56 -5.84
CA SER A 17 5.92 -3.37 -6.18
C SER A 17 5.83 -3.17 -7.68
N CYS A 18 4.86 -2.33 -8.04
CA CYS A 18 4.64 -1.98 -9.41
C CYS A 18 3.96 -0.65 -9.48
N VAL A 19 3.97 -0.05 -10.65
CA VAL A 19 3.21 1.18 -10.84
C VAL A 19 1.88 0.82 -11.48
N ILE A 20 0.77 1.19 -10.84
CA ILE A 20 -0.57 0.97 -11.35
C ILE A 20 -1.13 2.31 -11.85
N THR A 21 -1.52 2.31 -13.12
CA THR A 21 -2.14 3.48 -13.71
C THR A 21 -3.63 3.25 -13.89
N THR A 22 -4.41 4.21 -13.39
CA THR A 22 -5.87 4.24 -13.55
C THR A 22 -6.23 5.58 -14.16
N GLU A 23 -7.51 5.81 -14.33
CA GLU A 23 -7.99 7.14 -14.69
C GLU A 23 -7.61 8.23 -13.66
N ASN A 24 -7.39 7.82 -12.40
CA ASN A 24 -7.01 8.79 -11.36
C ASN A 24 -5.54 9.06 -11.17
N GLY A 25 -4.69 8.42 -11.99
CA GLY A 25 -3.27 8.71 -12.01
C GLY A 25 -2.50 7.45 -11.69
N LYS A 26 -1.27 7.62 -11.19
CA LYS A 26 -0.31 6.56 -10.94
C LYS A 26 -0.16 6.30 -9.46
N PHE A 27 -0.23 5.02 -9.09
CA PHE A 27 -0.18 4.59 -7.71
C PHE A 27 0.85 3.50 -7.58
N THR A 28 1.50 3.45 -6.44
CA THR A 28 2.33 2.29 -6.09
C THR A 28 1.42 1.11 -5.77
N GLY A 29 1.64 -0.03 -6.43
CA GLY A 29 0.83 -1.19 -6.17
C GLY A 29 1.68 -2.19 -5.43
N LEU A 30 1.11 -2.86 -4.41
CA LEU A 30 1.85 -3.91 -3.72
C LEU A 30 1.40 -5.29 -4.21
N GLY A 31 2.31 -6.05 -4.75
CA GLY A 31 2.04 -7.43 -5.11
C GLY A 31 2.12 -8.31 -3.88
N VAL A 32 1.04 -9.02 -3.56
CA VAL A 32 0.99 -9.75 -2.29
C VAL A 32 1.44 -11.19 -2.50
N TYR A 33 0.90 -11.78 -3.53
CA TYR A 33 1.35 -13.09 -4.00
C TYR A 33 0.66 -13.38 -5.34
N ASP A 34 1.34 -14.18 -6.16
CA ASP A 34 0.80 -14.62 -7.44
C ASP A 34 0.34 -13.45 -8.28
N ARG A 35 -0.92 -13.42 -8.70
CA ARG A 35 -1.38 -12.30 -9.50
C ARG A 35 -2.22 -11.28 -8.72
N PHE A 36 -2.16 -11.31 -7.38
CA PHE A 36 -2.88 -10.39 -6.52
C PHE A 36 -2.08 -9.14 -6.14
N VAL A 37 -2.65 -7.98 -6.41
CA VAL A 37 -2.08 -6.70 -6.06
C VAL A 37 -3.05 -5.92 -5.23
N VAL A 38 -2.57 -5.11 -4.30
CA VAL A 38 -3.44 -4.15 -3.62
C VAL A 38 -3.11 -2.74 -4.07
N VAL A 39 -4.14 -1.90 -4.09
CA VAL A 39 -4.02 -0.48 -4.36
C VAL A 39 -4.98 0.26 -3.46
N PRO A 40 -4.75 1.55 -3.25
CA PRO A 40 -5.75 2.33 -2.52
C PRO A 40 -7.06 2.36 -3.29
N THR A 41 -8.18 2.24 -2.59
CA THR A 41 -9.50 2.16 -3.23
C THR A 41 -9.81 3.39 -4.09
N HIS A 42 -9.36 4.57 -3.62
CA HIS A 42 -9.59 5.82 -4.34
C HIS A 42 -8.86 5.93 -5.68
N ALA A 43 -7.98 4.98 -5.98
CA ALA A 43 -7.41 4.86 -7.32
C ALA A 43 -8.48 4.51 -8.31
N ASP A 44 -9.60 3.96 -7.83
CA ASP A 44 -10.72 3.54 -8.69
C ASP A 44 -10.28 2.76 -9.96
N PRO A 45 -9.60 1.62 -9.80
CA PRO A 45 -9.24 0.80 -10.97
C PRO A 45 -10.48 0.27 -11.64
N GLY A 46 -10.51 0.33 -12.96
CA GLY A 46 -11.59 -0.23 -13.76
C GLY A 46 -11.28 -1.64 -14.22
N LYS A 47 -11.92 -2.06 -15.31
CA LYS A 47 -11.72 -3.41 -15.90
C LYS A 47 -10.33 -3.60 -16.55
N GLU A 48 -9.70 -2.52 -16.98
CA GLU A 48 -8.32 -2.56 -17.47
C GLU A 48 -7.55 -1.50 -16.72
N ILE A 49 -6.29 -1.83 -16.39
CA ILE A 49 -5.36 -0.88 -15.80
C ILE A 49 -4.05 -0.96 -16.58
N GLN A 50 -3.10 -0.13 -16.22
CA GLN A 50 -1.72 -0.36 -16.65
C GLN A 50 -0.94 -0.82 -15.44
N VAL A 51 -0.08 -1.80 -15.65
CA VAL A 51 0.89 -2.27 -14.66
C VAL A 51 2.28 -2.05 -15.27
N ASP A 52 3.04 -1.12 -14.69
CA ASP A 52 4.29 -0.69 -15.28
C ASP A 52 4.13 -0.33 -16.79
N GLY A 53 3.07 0.39 -17.12
CA GLY A 53 2.83 0.87 -18.46
C GLY A 53 2.18 -0.13 -19.42
N ILE A 54 1.94 -1.35 -18.96
CA ILE A 54 1.40 -2.41 -19.80
C ILE A 54 -0.07 -2.55 -19.52
N THR A 55 -0.88 -2.44 -20.54
CA THR A 55 -2.32 -2.59 -20.41
C THR A 55 -2.62 -4.00 -19.96
N THR A 56 -3.41 -4.12 -18.89
CA THR A 56 -3.60 -5.38 -18.21
C THR A 56 -5.07 -5.51 -17.78
N LYS A 57 -5.68 -6.64 -18.11
CA LYS A 57 -7.05 -6.90 -17.69
C LYS A 57 -7.08 -7.25 -16.20
N VAL A 58 -8.11 -6.77 -15.52
CA VAL A 58 -8.37 -7.09 -14.13
C VAL A 58 -9.39 -8.24 -14.13
N ILE A 59 -8.97 -9.41 -13.71
CA ILE A 59 -9.85 -10.55 -13.68
C ILE A 59 -10.96 -10.37 -12.62
N ASP A 60 -10.60 -9.95 -11.43
CA ASP A 60 -11.62 -9.51 -10.47
C ASP A 60 -11.02 -8.53 -9.49
N SER A 61 -11.90 -7.80 -8.83
CA SER A 61 -11.49 -6.80 -7.85
C SER A 61 -12.55 -6.72 -6.79
N TYR A 62 -12.13 -6.35 -5.61
CA TYR A 62 -13.04 -6.13 -4.53
C TYR A 62 -12.42 -5.19 -3.51
N ASP A 63 -13.28 -4.33 -2.96
CA ASP A 63 -12.92 -3.41 -1.92
C ASP A 63 -13.09 -4.08 -0.56
N LEU A 64 -12.27 -3.69 0.42
CA LEU A 64 -12.39 -4.21 1.79
C LEU A 64 -13.09 -3.23 2.70
N TYR A 65 -13.78 -3.77 3.71
CA TYR A 65 -14.60 -3.00 4.65
C TYR A 65 -14.35 -3.51 6.06
N ASN A 66 -14.53 -2.65 7.06
CA ASN A 66 -14.50 -3.11 8.44
C ASN A 66 -15.85 -3.76 8.83
N LYS A 67 -15.97 -4.08 10.12
CA LYS A 67 -17.21 -4.75 10.63
C LYS A 67 -18.51 -3.96 10.49
N ASN A 68 -18.43 -2.64 10.42
CA ASN A 68 -19.59 -1.77 10.26
C ASN A 68 -19.73 -1.21 8.86
N GLY A 69 -19.08 -1.83 7.87
CA GLY A 69 -19.24 -1.41 6.51
C GLY A 69 -18.44 -0.20 6.09
N ILE A 70 -17.48 0.19 6.91
CA ILE A 70 -16.67 1.36 6.62
C ILE A 70 -15.51 0.93 5.74
N LYS A 71 -15.26 1.63 4.64
CA LYS A 71 -14.15 1.27 3.78
C LYS A 71 -12.80 1.23 4.49
N LEU A 72 -11.97 0.26 4.12
CA LEU A 72 -10.58 0.20 4.61
C LEU A 72 -9.60 0.97 3.69
N GLU A 73 -10.08 1.39 2.52
CA GLU A 73 -9.30 2.03 1.47
C GLU A 73 -8.28 1.07 0.86
N ILE A 74 -8.53 -0.22 0.99
CA ILE A 74 -7.76 -1.23 0.23
C ILE A 74 -8.66 -1.88 -0.79
N THR A 75 -8.15 -2.01 -2.00
CA THR A 75 -8.79 -2.76 -3.06
C THR A 75 -7.81 -3.84 -3.47
N VAL A 76 -8.32 -5.07 -3.61
CA VAL A 76 -7.58 -6.22 -4.08
C VAL A 76 -7.92 -6.48 -5.54
N LEU A 77 -6.92 -6.61 -6.39
CA LEU A 77 -7.10 -6.90 -7.81
C LEU A 77 -6.41 -8.21 -8.10
N LYS A 78 -7.03 -9.03 -8.93
CA LYS A 78 -6.37 -10.20 -9.52
C LYS A 78 -6.13 -9.86 -10.98
N LEU A 79 -4.86 -9.93 -11.38
CA LEU A 79 -4.42 -9.47 -12.70
C LEU A 79 -4.26 -10.60 -13.71
N ASP A 80 -4.64 -10.31 -14.93
CA ASP A 80 -4.44 -11.24 -16.07
C ASP A 80 -3.03 -11.00 -16.61
N ARG A 81 -2.04 -11.65 -16.03
CA ARG A 81 -0.65 -11.45 -16.50
C ARG A 81 0.11 -12.67 -16.13
N ASN A 82 1.20 -12.94 -16.85
CA ASN A 82 1.93 -14.17 -16.65
C ASN A 82 2.76 -14.15 -15.36
N GLU A 83 3.34 -13.01 -15.03
CA GLU A 83 4.28 -12.89 -13.94
C GLU A 83 3.53 -13.18 -12.63
N LYS A 84 4.18 -13.89 -11.73
CA LYS A 84 3.69 -14.12 -10.37
C LYS A 84 4.55 -13.38 -9.36
N PHE A 85 3.93 -12.68 -8.40
CA PHE A 85 4.66 -12.06 -7.32
C PHE A 85 5.13 -13.11 -6.29
N ARG A 86 6.35 -12.89 -5.77
CA ARG A 86 6.84 -13.61 -4.60
C ARG A 86 5.84 -13.44 -3.45
N ASP A 87 5.53 -14.51 -2.73
CA ASP A 87 4.52 -14.47 -1.66
C ASP A 87 5.09 -13.75 -0.44
N ILE A 88 4.55 -12.58 -0.10
CA ILE A 88 4.99 -11.87 1.08
C ILE A 88 4.00 -11.90 2.25
N ARG A 89 3.00 -12.78 2.18
CA ARG A 89 1.97 -12.84 3.22
C ARG A 89 2.52 -13.10 4.60
N ARG A 90 3.62 -13.88 4.71
CA ARG A 90 4.14 -14.16 6.05
C ARG A 90 4.73 -12.93 6.73
N TYR A 91 5.00 -11.88 5.96
CA TYR A 91 5.46 -10.63 6.54
C TYR A 91 4.31 -9.72 7.01
N ILE A 92 3.08 -10.06 6.68
CA ILE A 92 1.92 -9.23 7.03
C ILE A 92 1.45 -9.62 8.44
N PRO A 93 1.30 -8.63 9.32
CA PRO A 93 0.87 -8.91 10.68
C PRO A 93 -0.51 -9.56 10.76
N ASN A 94 -0.74 -10.33 11.82
CA ASN A 94 -2.09 -10.83 12.12
C ASN A 94 -3.05 -9.81 12.71
N ASN A 95 -2.53 -8.85 13.49
CA ASN A 95 -3.32 -7.97 14.32
C ASN A 95 -2.89 -6.52 14.16
N GLU A 96 -3.80 -5.61 14.51
CA GLU A 96 -3.51 -4.19 14.67
C GLU A 96 -2.45 -3.98 15.74
N ASP A 97 -1.53 -3.06 15.49
CA ASP A 97 -0.48 -2.76 16.45
C ASP A 97 0.10 -1.41 16.17
N ASP A 98 0.92 -0.90 17.07
CA ASP A 98 1.78 0.25 16.86
C ASP A 98 3.17 -0.26 16.45
N TYR A 99 3.95 0.55 15.73
CA TYR A 99 5.26 0.14 15.23
C TYR A 99 6.26 1.28 15.27
N PRO A 100 7.37 1.11 15.99
CA PRO A 100 8.42 2.13 16.02
C PRO A 100 9.25 2.13 14.71
N ASN A 101 9.69 3.30 14.27
CA ASN A 101 10.75 3.43 13.25
C ASN A 101 10.43 2.73 11.91
N CYS A 102 9.34 3.15 11.29
CA CYS A 102 8.89 2.55 10.03
C CYS A 102 9.43 3.37 8.88
N ASN A 103 9.48 2.71 7.71
CA ASN A 103 9.80 3.35 6.45
C ASN A 103 8.60 3.24 5.48
N LEU A 104 8.61 4.08 4.46
CA LEU A 104 7.73 3.98 3.33
C LEU A 104 8.56 3.72 2.08
N ALA A 105 8.12 2.77 1.30
CA ALA A 105 8.77 2.38 0.03
C ALA A 105 7.91 2.88 -1.13
N LEU A 106 8.48 3.77 -1.96
CA LEU A 106 7.75 4.48 -2.99
C LEU A 106 8.31 4.15 -4.35
N LEU A 107 7.42 3.94 -5.32
CA LEU A 107 7.81 3.68 -6.72
C LEU A 107 7.13 4.63 -7.68
N ALA A 108 5.81 4.67 -7.65
CA ALA A 108 5.03 5.55 -8.56
C ALA A 108 5.30 7.02 -8.28
N ASN A 109 5.44 7.81 -9.36
CA ASN A 109 5.58 9.27 -9.29
C ASN A 109 6.95 9.73 -8.78
N GLN A 110 7.90 8.82 -8.64
CA GLN A 110 9.25 9.19 -8.17
C GLN A 110 10.19 8.99 -9.36
N PRO A 111 11.30 9.76 -9.41
CA PRO A 111 12.27 9.53 -10.51
C PRO A 111 12.98 8.15 -10.39
N GLU A 112 13.10 7.66 -9.16
CA GLU A 112 13.71 6.36 -8.91
C GLU A 112 13.06 5.76 -7.65
N PRO A 113 13.20 4.44 -7.42
CA PRO A 113 12.67 3.83 -6.18
C PRO A 113 13.20 4.60 -4.98
N THR A 114 12.33 4.92 -4.04
CA THR A 114 12.67 5.82 -2.96
C THR A 114 12.22 5.22 -1.62
N ILE A 115 13.06 5.32 -0.61
CA ILE A 115 12.73 4.85 0.74
C ILE A 115 12.78 6.05 1.66
N ILE A 116 11.69 6.27 2.39
CA ILE A 116 11.52 7.41 3.32
C ILE A 116 11.35 6.88 4.73
N ASN A 117 11.99 7.51 5.73
CA ASN A 117 11.85 7.11 7.13
C ASN A 117 10.75 7.98 7.71
N VAL A 118 9.60 7.39 7.96
CA VAL A 118 8.45 8.15 8.50
C VAL A 118 8.37 8.13 10.02
N GLY A 119 9.21 7.34 10.65
CA GLY A 119 9.29 7.31 12.11
C GLY A 119 8.24 6.40 12.74
N ASP A 120 7.86 6.72 13.97
CA ASP A 120 6.94 5.87 14.72
C ASP A 120 5.49 5.89 14.16
N VAL A 121 4.82 4.74 14.17
CA VAL A 121 3.49 4.57 13.63
C VAL A 121 2.57 4.09 14.73
N VAL A 122 1.36 4.67 14.78
CA VAL A 122 0.32 4.19 15.69
C VAL A 122 -0.96 3.78 14.97
N SER A 123 -1.61 2.76 15.51
CA SER A 123 -2.96 2.37 15.09
C SER A 123 -3.91 3.51 15.58
N TYR A 124 -4.53 4.22 14.64
CA TYR A 124 -5.21 5.48 14.91
C TYR A 124 -6.75 5.43 14.92
N GLY A 125 -7.32 4.31 14.48
CA GLY A 125 -8.77 4.18 14.33
C GLY A 125 -9.31 4.67 12.99
N ASN A 126 -10.47 5.28 13.01
CA ASN A 126 -11.16 5.79 11.80
C ASN A 126 -10.88 7.28 11.62
N ILE A 127 -10.78 7.71 10.39
CA ILE A 127 -10.61 9.11 10.04
C ILE A 127 -11.55 9.48 8.92
N LEU A 128 -11.65 10.78 8.66
CA LEU A 128 -12.29 11.28 7.46
C LEU A 128 -11.19 11.60 6.46
N LEU A 129 -11.21 10.91 5.31
CA LEU A 129 -10.18 11.11 4.28
C LEU A 129 -10.92 11.69 3.08
N SER A 130 -10.61 12.94 2.74
CA SER A 130 -11.42 13.78 1.79
C SER A 130 -12.89 13.66 2.06
N GLY A 131 -13.24 13.74 3.33
CA GLY A 131 -14.64 13.72 3.75
C GLY A 131 -15.28 12.36 3.90
N ASN A 132 -14.55 11.26 3.63
CA ASN A 132 -15.14 9.92 3.62
C ASN A 132 -14.58 9.10 4.80
N GLN A 133 -15.46 8.49 5.59
CA GLN A 133 -15.05 7.68 6.74
C GLN A 133 -14.19 6.52 6.23
N THR A 134 -13.04 6.33 6.87
CA THR A 134 -12.08 5.31 6.50
C THR A 134 -11.55 4.66 7.78
N ALA A 135 -11.54 3.34 7.81
CA ALA A 135 -11.23 2.58 8.99
C ALA A 135 -9.82 1.96 9.00
N ARG A 136 -9.37 1.56 10.20
CA ARG A 136 -8.10 0.84 10.43
C ARG A 136 -6.90 1.56 9.86
N MET A 137 -6.78 2.83 10.26
CA MET A 137 -5.70 3.66 9.81
C MET A 137 -4.46 3.49 10.70
N LEU A 138 -3.30 3.58 10.08
CA LEU A 138 -2.01 3.71 10.73
C LEU A 138 -1.49 5.11 10.47
N LYS A 139 -1.14 5.82 11.55
CA LYS A 139 -0.75 7.23 11.44
C LYS A 139 0.74 7.43 11.76
N TYR A 140 1.40 8.34 11.03
CA TYR A 140 2.79 8.70 11.21
C TYR A 140 2.89 10.19 11.05
N SER A 141 3.90 10.78 11.68
CA SER A 141 4.13 12.23 11.58
C SER A 141 5.24 12.45 10.57
N TYR A 142 4.84 12.59 9.31
CA TYR A 142 5.79 12.85 8.24
C TYR A 142 5.05 13.64 7.18
N PRO A 143 5.71 14.63 6.53
CA PRO A 143 5.08 15.45 5.51
C PRO A 143 5.04 14.75 4.17
N THR A 144 4.06 13.89 4.02
CA THR A 144 3.86 13.15 2.78
C THR A 144 3.30 14.03 1.68
N LYS A 145 3.51 13.59 0.43
CA LYS A 145 3.16 14.35 -0.79
C LYS A 145 2.15 13.61 -1.60
N SER A 146 1.53 14.32 -2.55
CA SER A 146 0.48 13.76 -3.41
C SER A 146 0.87 12.49 -4.18
N GLY A 147 2.10 12.41 -4.63
CA GLY A 147 2.54 11.16 -5.32
C GLY A 147 2.87 9.92 -4.51
N TYR A 148 2.63 9.95 -3.19
CA TYR A 148 3.01 8.83 -2.29
C TYR A 148 1.96 7.72 -2.21
N CYS A 149 0.76 7.93 -2.81
CA CYS A 149 -0.27 6.92 -2.60
C CYS A 149 0.06 5.52 -3.14
N GLY A 150 -0.26 4.55 -2.29
CA GLY A 150 0.07 3.16 -2.52
C GLY A 150 1.43 2.75 -1.95
N GLY A 151 2.22 3.75 -1.54
CA GLY A 151 3.56 3.51 -0.98
C GLY A 151 3.49 2.51 0.16
N VAL A 152 4.45 1.63 0.26
CA VAL A 152 4.36 0.51 1.18
C VAL A 152 5.01 0.84 2.52
N LEU A 153 4.22 0.83 3.58
CA LEU A 153 4.70 1.03 4.92
C LEU A 153 5.26 -0.28 5.46
N TYR A 154 6.50 -0.24 5.96
CA TYR A 154 7.19 -1.47 6.34
C TYR A 154 8.28 -1.25 7.42
N LYS A 155 8.69 -2.36 8.02
CA LYS A 155 9.93 -2.49 8.78
C LYS A 155 10.58 -3.77 8.32
N ILE A 156 11.79 -4.03 8.79
CA ILE A 156 12.43 -5.26 8.37
C ILE A 156 11.56 -6.46 8.62
N GLY A 157 11.26 -7.23 7.57
CA GLY A 157 10.44 -8.43 7.67
C GLY A 157 8.98 -8.22 8.00
N GLN A 158 8.49 -6.99 7.86
CA GLN A 158 7.11 -6.66 8.20
C GLN A 158 6.51 -5.71 7.18
N VAL A 159 5.47 -6.16 6.50
CA VAL A 159 4.78 -5.37 5.50
C VAL A 159 3.48 -4.92 6.13
N LEU A 160 3.43 -3.64 6.45
CA LEU A 160 2.44 -3.11 7.42
C LEU A 160 1.20 -2.40 6.85
N GLY A 161 1.33 -1.73 5.70
CA GLY A 161 0.27 -0.88 5.19
C GLY A 161 0.55 -0.25 3.87
N ILE A 162 -0.45 0.43 3.30
CA ILE A 162 -0.25 1.19 2.08
C ILE A 162 -0.70 2.60 2.29
N HIS A 163 0.11 3.55 1.84
CA HIS A 163 -0.15 4.98 2.05
C HIS A 163 -1.41 5.44 1.31
N VAL A 164 -2.34 6.13 2.01
CA VAL A 164 -3.63 6.55 1.45
C VAL A 164 -3.90 8.04 1.56
N GLY A 165 -3.13 8.75 2.35
CA GLY A 165 -3.39 10.18 2.47
C GLY A 165 -2.67 10.88 3.58
N GLY A 166 -2.94 12.17 3.70
CA GLY A 166 -2.27 12.94 4.72
C GLY A 166 -2.65 14.38 4.62
N ASN A 167 -2.14 15.17 5.53
CA ASN A 167 -2.47 16.62 5.58
C ASN A 167 -1.27 17.53 5.54
N GLY A 168 -0.08 17.04 5.23
CA GLY A 168 1.12 17.90 5.25
C GLY A 168 1.94 17.73 6.51
N ARG A 169 1.31 17.30 7.60
CA ARG A 169 1.97 17.04 8.88
C ARG A 169 1.87 15.56 9.25
N ASP A 170 0.69 14.99 9.09
CA ASP A 170 0.47 13.55 9.35
C ASP A 170 0.23 12.81 8.05
N GLY A 171 0.63 11.54 8.03
CA GLY A 171 0.41 10.62 6.92
C GLY A 171 -0.34 9.41 7.43
N PHE A 172 -1.14 8.79 6.56
CA PHE A 172 -1.97 7.67 6.94
C PHE A 172 -1.80 6.54 5.92
N SER A 173 -1.67 5.34 6.45
CA SER A 173 -1.76 4.08 5.70
C SER A 173 -2.93 3.26 6.11
N ALA A 174 -3.49 2.56 5.12
CA ALA A 174 -4.40 1.46 5.37
C ALA A 174 -3.62 0.25 5.89
N MET A 175 -4.06 -0.30 7.00
CA MET A 175 -3.41 -1.46 7.62
C MET A 175 -3.55 -2.70 6.75
N LEU A 176 -2.46 -3.45 6.62
CA LEU A 176 -2.56 -4.78 6.01
C LEU A 176 -2.59 -5.82 7.11
N LEU A 177 -3.52 -6.74 7.02
CA LEU A 177 -3.63 -7.87 7.94
C LEU A 177 -3.66 -9.16 7.18
N ARG A 178 -3.03 -10.17 7.77
CA ARG A 178 -2.81 -11.39 7.01
C ARG A 178 -4.12 -12.08 6.61
N SER A 179 -5.12 -12.01 7.49
CA SER A 179 -6.44 -12.58 7.23
C SER A 179 -7.15 -12.05 5.98
N TYR A 180 -6.73 -10.88 5.46
CA TYR A 180 -7.36 -10.33 4.27
C TYR A 180 -7.03 -11.18 3.05
N PHE A 181 -5.94 -11.96 3.15
CA PHE A 181 -5.33 -12.58 1.99
C PHE A 181 -5.21 -14.06 2.07
N THR A 182 -5.84 -14.65 3.08
CA THR A 182 -5.57 -16.00 3.41
C THR A 182 -6.91 -16.72 3.36
#